data_9MJL
#
_entry.id   9MJL
#
_cell.length_a   38.330
_cell.length_b   83.620
_cell.length_c   168.240
_cell.angle_alpha   90.00
_cell.angle_beta   90.00
_cell.angle_gamma   90.00
#
_symmetry.space_group_name_H-M   'P 21 21 21'
#
loop_
_entity.id
_entity.type
_entity.pdbx_description
1 polymer 'Son of sevenless homolog 1'
2 non-polymer 6-({(1R)-1-[2-methyl-3-(trifluoromethyl)phenyl]ethyl}amino)-8-(oxan-4-yl)-1,3,4,8-tetrahydropyrido[3,4-c][1,6]naphthyridin-9(2H)-one
3 non-polymer 1,2-ETHANEDIOL
4 water water
#
_entity_poly.entity_id   1
_entity_poly.type   'polypeptide(L)'
_entity_poly.pdbx_seq_one_letter_code
;GEEQMRLPSADVYRFAEPDSEENIIFEENMQPKAGIPIIKAGTVIKLIERLTYHMYADPNFVRTFLTTYRSFCKPQELLS
LIIERFEIPEPEPTEADRIAIENGDQPLSAELKRFRKEYIQPVQLRVLNVCRHWVEHHFYDFERDAYLLQRMEEFIGTVR
GKAMKKWVESITKIIQRKKIARDNGPGHNITFQSSPPTVEWHISRPGHIETFDLLTLHPIEIARQLTLLESDLYRAVQPS
ELVGSVWTKEDKEINSPNLLKMIRHTTNLTLWFEKCIVETENLEERVAVVSRIIEILQVFQELNNFNGVLEVVSAMNSSP
VYRLDHTFEQIPSRQKKILEEAHELSEDHYKKYLAKLRSINPPCVPFFGIYLTNILKTEEGNPEVLKRHGKELINFSKRR
KVAEITGEIQQYQNQPYCLRVESDIKRFFENLNPMGNSMEKEFTDYLFNKSLEIEPRNPKPLPRFPKKYSYPLKSPGVRP
SNPRPGT
;
_entity_poly.pdbx_strand_id   A
#
loop_
_chem_comp.id
_chem_comp.type
_chem_comp.name
_chem_comp.formula
A1BME non-polymer 6-({(1R)-1-[2-methyl-3-(trifluoromethyl)phenyl]ethyl}amino)-8-(oxan-4-yl)-1,3,4,8-tetrahydropyrido[3,4-c][1,6]naphthyridin-9(2H)-one 'C26 H29 F3 N4 O2'
EDO non-polymer 1,2-ETHANEDIOL 'C2 H6 O2'
#
# COMPACT_ATOMS: atom_id res chain seq x y z
N ARG A 6 28.26 31.59 14.79
CA ARG A 6 27.98 30.17 15.10
C ARG A 6 27.69 29.42 13.82
N LEU A 7 26.46 29.55 13.33
CA LEU A 7 26.05 28.83 12.12
C LEU A 7 26.60 29.48 10.85
N PRO A 8 26.71 28.72 9.73
CA PRO A 8 27.16 29.27 8.46
C PRO A 8 26.12 30.15 7.81
N SER A 9 26.57 30.93 6.83
CA SER A 9 25.74 31.95 6.24
C SER A 9 25.13 31.48 4.93
N ALA A 10 24.02 32.11 4.55
CA ALA A 10 23.16 31.63 3.46
C ALA A 10 23.80 31.56 2.08
N ASP A 11 24.82 32.39 1.88
CA ASP A 11 25.61 32.40 0.65
C ASP A 11 26.54 31.20 0.48
N VAL A 12 26.70 30.40 1.54
CA VAL A 12 27.52 29.19 1.48
C VAL A 12 26.74 27.94 1.88
N TYR A 13 25.59 28.10 2.54
CA TYR A 13 24.90 26.96 3.10
C TYR A 13 23.44 27.31 3.29
N ARG A 14 22.56 26.66 2.53
CA ARG A 14 21.15 27.04 2.56
C ARG A 14 20.39 26.56 3.78
N PHE A 15 20.88 25.51 4.41
CA PHE A 15 20.18 24.92 5.56
C PHE A 15 20.57 25.60 6.87
N ALA A 16 21.01 26.85 6.78
CA ALA A 16 21.27 27.71 7.94
C ALA A 16 20.53 29.03 7.83
N GLU A 17 19.57 29.09 6.92
CA GLU A 17 18.60 30.18 6.91
C GLU A 17 17.67 30.05 8.12
N PRO A 18 17.30 31.14 8.81
CA PRO A 18 16.48 31.04 10.02
C PRO A 18 15.04 30.64 9.76
N ASP A 19 14.41 30.06 10.78
CA ASP A 19 12.99 29.72 10.73
C ASP A 19 12.15 30.98 10.67
N SER A 20 11.13 30.94 9.84
CA SER A 20 10.13 31.98 9.79
C SER A 20 8.83 31.39 9.29
N GLU A 21 7.76 32.16 9.42
CA GLU A 21 6.49 31.78 8.80
C GLU A 21 6.52 31.78 7.27
N GLU A 22 7.56 32.37 6.68
CA GLU A 22 7.80 32.28 5.25
C GLU A 22 8.51 30.99 4.85
N ASN A 23 8.89 30.13 5.81
CA ASN A 23 9.62 28.92 5.45
C ASN A 23 9.21 27.64 6.17
N ILE A 24 8.54 27.76 7.31
CA ILE A 24 8.12 26.59 8.09
C ILE A 24 6.87 26.91 8.89
N ILE A 25 5.99 25.92 9.03
CA ILE A 25 4.82 26.00 9.89
C ILE A 25 4.85 24.74 10.74
N PHE A 26 4.58 24.89 12.03
CA PHE A 26 4.51 23.74 12.94
C PHE A 26 3.07 23.49 13.38
N GLU A 27 2.80 22.24 13.76
CA GLU A 27 1.53 21.89 14.39
C GLU A 27 1.52 22.34 15.84
N GLU A 28 0.46 23.04 16.21
CA GLU A 28 0.26 23.43 17.60
C GLU A 28 -0.60 22.42 18.37
N ASN A 29 -1.09 21.41 17.67
CA ASN A 29 -1.72 20.28 18.35
C ASN A 29 -0.65 19.40 18.95
N MET A 30 -0.59 19.46 20.29
CA MET A 30 0.40 18.74 21.09
C MET A 30 1.68 19.55 21.25
N GLN A 31 2.63 18.93 21.92
CA GLN A 31 4.03 19.36 21.89
C GLN A 31 4.33 20.60 22.75
N PRO A 32 4.03 20.61 24.06
CA PRO A 32 4.23 21.78 24.93
C PRO A 32 5.69 21.96 25.36
N LYS A 33 6.58 22.02 24.38
CA LYS A 33 8.01 21.80 24.57
C LYS A 33 8.29 20.32 24.78
N ALA A 34 8.00 19.55 23.73
CA ALA A 34 8.37 18.14 23.70
C ALA A 34 9.84 17.93 23.38
N GLY A 35 10.48 18.97 22.89
CA GLY A 35 11.85 18.89 22.42
C GLY A 35 11.86 18.91 20.90
N ILE A 36 11.05 18.01 20.37
CA ILE A 36 10.91 17.84 18.93
C ILE A 36 9.53 18.39 18.54
N PRO A 37 9.47 19.50 17.78
CA PRO A 37 8.21 19.96 17.22
C PRO A 37 7.78 19.14 16.02
N ILE A 38 6.53 19.36 15.60
CA ILE A 38 5.95 18.62 14.49
C ILE A 38 5.69 19.64 13.40
N ILE A 39 6.24 19.38 12.22
CA ILE A 39 6.15 20.32 11.11
C ILE A 39 4.82 20.06 10.38
N LYS A 40 4.01 21.11 10.26
CA LYS A 40 2.80 21.05 9.45
C LYS A 40 3.16 21.29 7.98
N ALA A 41 4.04 22.24 7.74
CA ALA A 41 4.43 22.59 6.38
C ALA A 41 5.80 23.22 6.37
N GLY A 42 6.43 23.22 5.20
CA GLY A 42 7.66 23.95 5.07
C GLY A 42 8.20 23.92 3.67
N THR A 43 9.28 24.65 3.46
CA THR A 43 10.06 24.48 2.23
C THR A 43 10.78 23.13 2.25
N VAL A 44 11.15 22.62 1.08
CA VAL A 44 11.93 21.38 1.03
C VAL A 44 13.27 21.47 1.74
N ILE A 45 13.88 22.66 1.67
CA ILE A 45 15.09 22.96 2.42
C ILE A 45 14.87 22.84 3.92
N LYS A 46 13.79 23.46 4.41
CA LYS A 46 13.45 23.35 5.83
C LYS A 46 13.02 21.96 6.27
N LEU A 47 12.37 21.23 5.38
CA LEU A 47 12.03 19.83 5.66
C LEU A 47 13.28 18.96 5.78
N ILE A 48 14.20 19.07 4.81
CA ILE A 48 15.48 18.38 4.85
C ILE A 48 16.33 18.75 6.08
N GLU A 49 16.32 20.04 6.42
CA GLU A 49 17.03 20.53 7.59
C GLU A 49 16.55 19.88 8.89
N ARG A 50 15.23 19.88 9.05
CA ARG A 50 14.64 19.28 10.23
C ARG A 50 14.60 17.76 10.22
N LEU A 51 14.85 17.16 9.06
CA LEU A 51 15.03 15.70 8.93
C LEU A 51 16.40 15.26 9.44
N THR A 52 17.33 16.21 9.44
CA THR A 52 18.73 15.99 9.70
C THR A 52 19.23 17.00 10.71
N TYR A 53 18.38 17.25 11.70
CA TYR A 53 18.58 18.36 12.59
C TYR A 53 19.73 18.08 13.57
N HIS A 54 20.42 19.13 13.97
CA HIS A 54 21.61 18.97 14.80
C HIS A 54 21.27 18.69 16.27
N MET A 55 20.12 19.19 16.71
CA MET A 55 19.76 19.06 18.12
C MET A 55 19.16 17.71 18.49
N TYR A 56 18.58 17.02 17.52
CA TYR A 56 17.80 15.82 17.82
C TYR A 56 17.78 14.90 16.63
N ALA A 57 17.69 13.60 16.90
CA ALA A 57 17.23 12.67 15.86
C ALA A 57 15.71 12.67 15.83
N ASP A 58 15.15 12.38 14.66
CA ASP A 58 13.70 12.36 14.49
C ASP A 58 13.27 11.17 13.65
N PRO A 59 13.34 9.93 14.17
CA PRO A 59 13.04 8.74 13.39
C PRO A 59 11.63 8.59 12.83
N ASN A 60 10.63 9.15 13.51
CA ASN A 60 9.28 9.17 12.95
C ASN A 60 9.15 10.05 11.72
N PHE A 61 9.83 11.20 11.73
CA PHE A 61 9.85 12.06 10.55
C PHE A 61 10.62 11.43 9.40
N VAL A 62 11.75 10.77 9.68
CA VAL A 62 12.49 10.03 8.66
C VAL A 62 11.66 9.00 7.90
N ARG A 63 10.95 8.17 8.66
CA ARG A 63 10.07 7.16 8.07
C ARG A 63 8.94 7.77 7.25
N THR A 64 8.34 8.82 7.81
CA THR A 64 7.20 9.45 7.16
C THR A 64 7.63 10.22 5.91
N PHE A 65 8.78 10.88 6.01
CA PHE A 65 9.40 11.56 4.88
C PHE A 65 9.78 10.59 3.76
N LEU A 66 10.52 9.54 4.09
CA LEU A 66 10.99 8.62 3.05
C LEU A 66 9.89 7.78 2.40
N THR A 67 8.76 7.65 3.09
CA THR A 67 7.58 7.04 2.49
C THR A 67 6.89 7.99 1.50
N THR A 68 7.03 9.30 1.69
CA THR A 68 6.13 10.27 1.07
C THR A 68 6.81 11.28 0.15
N TYR A 69 8.13 11.42 0.24
CA TYR A 69 8.86 12.51 -0.42
C TYR A 69 8.64 12.64 -1.92
N ARG A 70 8.38 11.50 -2.56
CA ARG A 70 8.09 11.41 -3.98
C ARG A 70 6.92 12.27 -4.46
N SER A 71 6.03 12.61 -3.54
CA SER A 71 4.97 13.59 -3.79
C SER A 71 5.44 15.05 -3.83
N PHE A 72 6.70 15.31 -3.52
CA PHE A 72 7.23 16.68 -3.51
C PHE A 72 8.66 16.82 -4.00
N CYS A 73 9.34 15.70 -4.24
CA CYS A 73 10.77 15.72 -4.52
C CYS A 73 11.12 14.40 -5.19
N LYS A 74 11.93 14.44 -6.25
CA LYS A 74 12.36 13.21 -6.90
C LYS A 74 13.54 12.59 -6.16
N PRO A 75 13.80 11.28 -6.28
CA PRO A 75 15.01 10.63 -5.75
C PRO A 75 16.33 11.33 -6.02
N GLN A 76 16.55 11.69 -7.29
CA GLN A 76 17.78 12.39 -7.66
C GLN A 76 17.94 13.78 -7.03
N GLU A 77 16.80 14.43 -6.81
CA GLU A 77 16.77 15.71 -6.12
C GLU A 77 17.01 15.53 -4.64
N LEU A 78 16.38 14.52 -4.04
CA LEU A 78 16.60 14.18 -2.63
C LEU A 78 18.04 13.85 -2.32
N LEU A 79 18.65 13.02 -3.17
CA LEU A 79 20.05 12.68 -3.00
C LEU A 79 20.98 13.88 -3.11
N SER A 80 20.65 14.80 -4.02
CA SER A 80 21.38 16.06 -4.11
C SER A 80 21.24 16.93 -2.86
N LEU A 81 20.03 16.95 -2.30
CA LEU A 81 19.76 17.77 -1.13
C LEU A 81 20.41 17.26 0.13
N ILE A 82 20.40 15.94 0.34
CA ILE A 82 21.03 15.40 1.54
C ILE A 82 22.57 15.42 1.45
N ILE A 83 23.10 15.30 0.24
CA ILE A 83 24.54 15.50 0.04
C ILE A 83 24.92 16.96 0.27
N GLU A 84 24.11 17.90 -0.21
CA GLU A 84 24.33 19.32 0.08
C GLU A 84 24.29 19.65 1.57
N ARG A 85 23.36 18.99 2.26
CA ARG A 85 23.28 19.06 3.70
C ARG A 85 24.53 18.54 4.40
N PHE A 86 25.14 17.51 3.84
CA PHE A 86 26.37 16.93 4.39
C PHE A 86 27.58 17.85 4.25
N GLU A 87 27.61 18.60 3.14
CA GLU A 87 28.74 19.45 2.83
C GLU A 87 28.63 20.81 3.53
N ILE A 88 28.87 20.79 4.83
CA ILE A 88 28.81 22.02 5.63
C ILE A 88 30.15 22.77 5.49
N PRO A 89 30.13 24.09 5.24
CA PRO A 89 31.33 24.90 5.29
C PRO A 89 31.80 25.15 6.71
N GLU A 90 33.06 24.83 6.96
CA GLU A 90 33.69 25.16 8.24
C GLU A 90 34.09 26.64 8.29
N PRO A 91 34.17 27.23 9.49
CA PRO A 91 34.61 28.61 9.64
C PRO A 91 36.09 28.80 9.35
N GLU A 92 36.42 30.01 8.92
CA GLU A 92 37.81 30.44 8.82
C GLU A 92 38.39 30.68 10.22
N PRO A 93 39.72 30.63 10.41
CA PRO A 93 40.32 30.88 11.70
C PRO A 93 40.21 32.32 12.16
N THR A 94 40.31 32.50 13.47
CA THR A 94 40.43 33.83 14.06
C THR A 94 41.73 34.51 13.64
N GLU A 95 41.81 35.81 13.87
CA GLU A 95 43.06 36.54 13.61
C GLU A 95 44.25 36.00 14.40
N ALA A 96 43.99 35.62 15.65
CA ALA A 96 45.02 35.01 16.48
C ALA A 96 45.41 33.61 16.01
N ASP A 97 44.42 32.84 15.54
CA ASP A 97 44.72 31.55 14.93
C ASP A 97 45.46 31.65 13.60
N ARG A 98 45.15 32.67 12.80
CA ARG A 98 45.97 32.95 11.63
C ARG A 98 47.42 33.29 11.97
N ILE A 99 47.59 34.15 12.98
CA ILE A 99 48.91 34.45 13.52
C ILE A 99 49.63 33.21 14.04
N ALA A 100 48.91 32.31 14.70
CA ALA A 100 49.49 31.03 15.10
C ALA A 100 49.94 30.17 13.93
N ILE A 101 49.07 30.06 12.93
CA ILE A 101 49.38 29.35 11.69
C ILE A 101 50.60 29.95 10.97
N GLU A 102 50.63 31.26 10.84
CA GLU A 102 51.76 31.93 10.19
C GLU A 102 53.07 31.86 10.99
N ASN A 103 52.98 31.71 12.31
CA ASN A 103 54.15 31.46 13.15
C ASN A 103 54.71 30.06 13.03
N GLY A 104 53.92 29.12 12.50
CA GLY A 104 54.36 27.74 12.41
C GLY A 104 53.72 26.85 13.46
N ASP A 105 52.81 27.41 14.24
CA ASP A 105 52.20 26.71 15.35
C ASP A 105 50.83 26.21 14.96
N GLN A 106 50.34 25.30 15.81
CA GLN A 106 48.95 24.91 15.72
C GLN A 106 48.04 26.01 16.24
N PRO A 107 46.95 26.33 15.54
CA PRO A 107 45.94 27.23 16.07
C PRO A 107 45.14 26.56 17.16
N LEU A 108 44.62 27.38 18.07
CA LEU A 108 43.76 26.89 19.15
C LEU A 108 42.46 26.32 18.60
N SER A 109 41.85 27.04 17.66
CA SER A 109 40.78 26.48 16.85
C SER A 109 39.48 26.26 17.62
N ALA A 110 39.22 27.11 18.61
CA ALA A 110 38.21 26.79 19.62
C ALA A 110 36.79 26.70 19.07
N GLU A 111 36.43 27.67 18.24
CA GLU A 111 35.10 27.64 17.62
C GLU A 111 34.98 26.60 16.51
N LEU A 112 36.09 26.34 15.81
CA LEU A 112 36.10 25.31 14.79
C LEU A 112 35.93 23.91 15.38
N LYS A 113 36.66 23.65 16.46
CA LYS A 113 36.49 22.42 17.23
C LYS A 113 35.08 22.25 17.78
N ARG A 114 34.53 23.35 18.30
CA ARG A 114 33.14 23.34 18.75
C ARG A 114 32.16 23.07 17.63
N PHE A 115 32.29 23.82 16.53
CA PHE A 115 31.36 23.72 15.42
C PHE A 115 31.36 22.35 14.75
N ARG A 116 32.53 21.72 14.70
CA ARG A 116 32.60 20.34 14.24
C ARG A 116 31.85 19.36 15.15
N LYS A 117 32.07 19.52 16.45
CA LYS A 117 31.49 18.63 17.45
C LYS A 117 29.98 18.82 17.62
N GLU A 118 29.56 20.08 17.60
CA GLU A 118 28.18 20.41 17.97
C GLU A 118 27.27 20.70 16.79
N TYR A 119 27.81 20.76 15.58
CA TYR A 119 26.98 20.99 14.40
C TYR A 119 27.27 19.96 13.34
N ILE A 120 28.51 19.95 12.84
CA ILE A 120 28.82 19.17 11.64
C ILE A 120 28.61 17.69 11.82
N GLN A 121 29.26 17.12 12.83
CA GLN A 121 29.09 15.71 13.14
C GLN A 121 27.63 15.25 13.36
N PRO A 122 26.84 15.90 14.22
CA PRO A 122 25.39 15.71 14.28
C PRO A 122 24.66 15.67 12.95
N VAL A 123 24.76 16.74 12.16
CA VAL A 123 24.08 16.77 10.87
C VAL A 123 24.54 15.66 9.91
N GLN A 124 25.84 15.41 9.88
CA GLN A 124 26.39 14.40 8.98
C GLN A 124 26.00 12.97 9.35
N LEU A 125 25.95 12.69 10.65
CA LEU A 125 25.47 11.38 11.09
C LEU A 125 23.98 11.20 10.88
N ARG A 126 23.23 12.30 10.96
CA ARG A 126 21.80 12.26 10.66
C ARG A 126 21.54 12.05 9.17
N VAL A 127 22.36 12.67 8.31
CA VAL A 127 22.31 12.38 6.87
C VAL A 127 22.58 10.92 6.55
N LEU A 128 23.58 10.33 7.21
CA LEU A 128 23.84 8.91 7.02
C LEU A 128 22.72 8.01 7.55
N ASN A 129 22.07 8.45 8.62
CA ASN A 129 20.88 7.76 9.14
C ASN A 129 19.72 7.78 8.16
N VAL A 130 19.54 8.91 7.47
CA VAL A 130 18.55 9.01 6.40
C VAL A 130 18.91 8.12 5.21
N CYS A 131 20.17 8.13 4.78
CA CYS A 131 20.63 7.22 3.74
C CYS A 131 20.45 5.75 4.07
N ARG A 132 20.71 5.41 5.33
CA ARG A 132 20.56 4.04 5.78
C ARG A 132 19.10 3.58 5.79
N HIS A 133 18.20 4.47 6.17
CA HIS A 133 16.77 4.16 6.14
C HIS A 133 16.26 4.02 4.71
N TRP A 134 16.79 4.88 3.83
CA TRP A 134 16.46 4.87 2.42
C TRP A 134 16.82 3.57 1.72
N VAL A 135 18.06 3.11 1.89
CA VAL A 135 18.46 1.87 1.23
C VAL A 135 17.85 0.60 1.86
N GLU A 136 17.39 0.70 3.11
CA GLU A 136 16.79 -0.45 3.75
C GLU A 136 15.32 -0.61 3.35
N HIS A 137 14.54 0.43 3.52
CA HIS A 137 13.08 0.29 3.39
C HIS A 137 12.53 0.77 2.07
N HIS A 138 13.38 1.38 1.24
CA HIS A 138 12.94 2.10 0.06
C HIS A 138 13.84 1.84 -1.13
N PHE A 139 14.43 0.64 -1.17
CA PHE A 139 15.50 0.36 -2.13
C PHE A 139 15.06 0.37 -3.59
N TYR A 140 13.76 0.17 -3.82
CA TYR A 140 13.14 0.31 -5.13
C TYR A 140 13.46 1.57 -5.94
N ASP A 141 13.76 2.68 -5.27
CA ASP A 141 14.25 3.86 -5.98
C ASP A 141 15.57 3.62 -6.70
N PHE A 142 16.44 2.86 -6.05
CA PHE A 142 17.75 2.53 -6.59
C PHE A 142 17.68 1.34 -7.54
N GLU A 143 16.69 0.46 -7.36
CA GLU A 143 16.44 -0.58 -8.36
C GLU A 143 15.91 -0.01 -9.66
N ARG A 144 15.07 1.02 -9.55
CA ARG A 144 14.56 1.73 -10.71
C ARG A 144 15.57 2.72 -11.31
N ASP A 145 16.68 2.97 -10.63
CA ASP A 145 17.63 4.00 -11.04
C ASP A 145 19.03 3.62 -10.63
N ALA A 146 19.75 3.01 -11.57
CA ALA A 146 21.13 2.62 -11.29
C ALA A 146 22.09 3.80 -11.18
N TYR A 147 21.75 4.93 -11.78
CA TYR A 147 22.56 6.13 -11.61
C TYR A 147 22.37 6.74 -10.23
N LEU A 148 21.15 6.64 -9.67
CA LEU A 148 20.93 7.00 -8.27
C LEU A 148 21.77 6.15 -7.32
N LEU A 149 21.86 4.87 -7.63
CA LEU A 149 22.68 3.97 -6.84
C LEU A 149 24.17 4.26 -6.96
N GLN A 150 24.63 4.57 -8.18
CA GLN A 150 26.01 5.01 -8.36
C GLN A 150 26.37 6.27 -7.61
N ARG A 151 25.43 7.23 -7.61
CA ARG A 151 25.61 8.44 -6.82
C ARG A 151 25.66 8.18 -5.32
N MET A 152 24.78 7.31 -4.84
CA MET A 152 24.77 6.94 -3.44
C MET A 152 26.05 6.22 -3.03
N GLU A 153 26.48 5.27 -3.85
CA GLU A 153 27.69 4.52 -3.52
C GLU A 153 28.96 5.35 -3.64
N GLU A 154 29.00 6.30 -4.58
CA GLU A 154 30.09 7.28 -4.65
C GLU A 154 30.12 8.21 -3.44
N PHE A 155 28.94 8.64 -3.00
CA PHE A 155 28.81 9.43 -1.78
C PHE A 155 29.31 8.67 -0.56
N ILE A 156 28.66 7.54 -0.26
CA ILE A 156 28.98 6.74 0.91
C ILE A 156 30.42 6.24 0.95
N GLY A 157 31.00 5.96 -0.22
CA GLY A 157 32.35 5.45 -0.26
C GLY A 157 33.44 6.50 -0.33
N THR A 158 33.05 7.77 -0.26
CA THR A 158 34.01 8.87 -0.13
C THR A 158 33.85 9.59 1.20
N VAL A 159 32.98 9.10 2.08
CA VAL A 159 32.90 9.61 3.44
C VAL A 159 34.16 9.24 4.20
N ARG A 160 34.77 10.25 4.80
CA ARG A 160 35.97 10.09 5.59
C ARG A 160 35.60 10.33 7.05
N GLY A 161 36.21 9.59 7.94
CA GLY A 161 36.08 9.86 9.37
C GLY A 161 35.80 8.65 10.21
N LYS A 162 36.44 8.62 11.37
CA LYS A 162 36.25 7.56 12.37
C LYS A 162 34.82 7.46 12.88
N ALA A 163 34.19 8.62 13.07
CA ALA A 163 32.80 8.67 13.53
C ALA A 163 31.79 8.14 12.52
N MET A 164 32.16 8.20 11.24
CA MET A 164 31.23 7.85 10.18
C MET A 164 31.36 6.39 9.77
N LYS A 165 32.47 5.75 10.16
CA LYS A 165 32.84 4.40 9.76
C LYS A 165 31.74 3.35 9.88
N LYS A 166 31.13 3.27 11.05
CA LYS A 166 30.10 2.27 11.28
C LYS A 166 28.81 2.51 10.50
N TRP A 167 28.51 3.78 10.24
CA TRP A 167 27.34 4.11 9.42
C TRP A 167 27.55 3.77 7.97
N VAL A 168 28.73 4.11 7.46
CA VAL A 168 29.12 3.75 6.09
C VAL A 168 29.12 2.24 5.86
N GLU A 169 29.64 1.51 6.84
CA GLU A 169 29.64 0.05 6.78
C GLU A 169 28.24 -0.55 6.86
N SER A 170 27.39 0.03 7.70
CA SER A 170 26.00 -0.40 7.76
C SER A 170 25.26 -0.17 6.45
N ILE A 171 25.42 1.02 5.88
CA ILE A 171 24.79 1.35 4.60
C ILE A 171 25.26 0.45 3.47
N THR A 172 26.56 0.19 3.41
CA THR A 172 27.10 -0.58 2.30
C THR A 172 26.73 -2.07 2.40
N LYS A 173 26.61 -2.59 3.62
CA LYS A 173 26.09 -3.95 3.81
C LYS A 173 24.64 -4.10 3.36
N ILE A 174 23.83 -3.08 3.61
CA ILE A 174 22.45 -3.08 3.16
C ILE A 174 22.38 -3.01 1.63
N ILE A 175 23.15 -2.12 1.02
CA ILE A 175 23.21 -2.04 -0.44
C ILE A 175 23.62 -3.35 -1.09
N GLN A 176 24.63 -4.02 -0.53
CA GLN A 176 25.04 -5.33 -1.06
C GLN A 176 24.01 -6.43 -0.86
N ARG A 177 23.35 -6.44 0.29
CA ARG A 177 22.28 -7.40 0.53
C ARG A 177 21.08 -7.21 -0.39
N LYS A 178 20.76 -5.96 -0.69
CA LYS A 178 19.68 -5.68 -1.62
C LYS A 178 20.05 -5.99 -3.08
N LYS A 179 21.32 -5.90 -3.42
CA LYS A 179 21.80 -6.35 -4.72
C LYS A 179 21.61 -7.85 -4.97
N ILE A 180 21.73 -8.65 -3.91
CA ILE A 180 21.46 -10.09 -3.99
C ILE A 180 19.97 -10.39 -4.24
N ALA A 181 19.11 -9.53 -3.72
CA ALA A 181 17.68 -9.69 -3.87
C ALA A 181 17.16 -9.52 -5.30
N ARG A 182 18.00 -8.93 -6.16
CA ARG A 182 17.65 -8.69 -7.56
C ARG A 182 17.38 -9.95 -8.37
N ASP A 183 18.09 -11.02 -8.04
CA ASP A 183 17.95 -12.29 -8.75
C ASP A 183 17.33 -13.39 -7.89
N ASN A 184 17.19 -13.13 -6.59
CA ASN A 184 16.66 -14.14 -5.69
C ASN A 184 15.15 -14.19 -5.72
N GLY A 185 14.50 -13.14 -5.21
CA GLY A 185 13.05 -13.10 -5.35
C GLY A 185 12.32 -13.73 -4.17
N PRO A 186 11.32 -14.60 -4.41
CA PRO A 186 10.45 -15.14 -3.36
C PRO A 186 11.06 -16.29 -2.56
N GLY A 187 10.39 -16.65 -1.48
CA GLY A 187 10.75 -17.84 -0.73
C GLY A 187 9.68 -18.22 0.27
N HIS A 188 9.82 -19.40 0.87
CA HIS A 188 8.90 -19.83 1.92
C HIS A 188 9.36 -19.26 3.25
N ASN A 189 8.44 -18.59 3.94
CA ASN A 189 8.65 -18.12 5.30
C ASN A 189 7.47 -18.58 6.13
N ILE A 190 6.53 -17.67 6.37
CA ILE A 190 5.13 -18.02 6.59
C ILE A 190 4.79 -18.31 8.06
N THR A 191 4.13 -17.36 8.70
CA THR A 191 3.67 -17.53 10.07
C THR A 191 2.30 -18.24 10.03
N PHE A 192 2.31 -19.52 10.38
CA PHE A 192 1.12 -20.36 10.39
C PHE A 192 1.18 -21.36 11.53
N GLN A 193 0.05 -21.60 12.19
CA GLN A 193 0.09 -22.12 13.56
C GLN A 193 -0.88 -23.26 13.84
N SER A 194 -2.09 -23.16 13.33
CA SER A 194 -3.08 -24.22 13.47
C SER A 194 -2.92 -25.25 12.37
N SER A 195 -3.48 -26.44 12.55
CA SER A 195 -3.38 -27.45 11.50
C SER A 195 -4.21 -27.05 10.28
N PRO A 196 -3.65 -27.17 9.06
CA PRO A 196 -4.37 -26.83 7.85
C PRO A 196 -5.32 -27.96 7.46
N PRO A 197 -6.43 -27.64 6.79
CA PRO A 197 -7.36 -28.64 6.29
C PRO A 197 -6.89 -29.35 5.03
N THR A 198 -7.62 -30.38 4.65
CA THR A 198 -7.49 -30.94 3.32
C THR A 198 -8.05 -29.98 2.28
N VAL A 199 -7.47 -30.02 1.09
CA VAL A 199 -8.07 -29.40 -0.07
C VAL A 199 -9.38 -30.12 -0.39
N GLU A 200 -10.43 -29.34 -0.61
CA GLU A 200 -11.74 -29.86 -0.93
C GLU A 200 -11.91 -29.82 -2.44
N TRP A 201 -12.55 -30.85 -2.98
CA TRP A 201 -12.75 -30.98 -4.42
C TRP A 201 -14.20 -31.32 -4.70
N HIS A 202 -14.61 -31.08 -5.93
CA HIS A 202 -16.03 -31.15 -6.27
C HIS A 202 -16.19 -31.81 -7.63
N ILE A 203 -16.92 -31.20 -8.56
CA ILE A 203 -17.09 -31.77 -9.90
C ILE A 203 -15.79 -31.82 -10.67
N SER A 204 -14.96 -30.80 -10.50
CA SER A 204 -13.65 -30.81 -11.10
C SER A 204 -12.76 -31.88 -10.46
N ARG A 205 -12.33 -32.83 -11.27
CA ARG A 205 -11.42 -33.86 -10.80
C ARG A 205 -10.03 -33.22 -10.63
N PRO A 206 -9.32 -33.46 -9.52
CA PRO A 206 -8.02 -32.85 -9.24
C PRO A 206 -7.02 -32.79 -10.39
N GLY A 207 -6.76 -31.57 -10.85
CA GLY A 207 -5.79 -31.36 -11.91
C GLY A 207 -6.38 -31.17 -13.29
N HIS A 208 -7.68 -31.43 -13.41
CA HIS A 208 -8.37 -31.35 -14.70
C HIS A 208 -8.81 -29.91 -14.94
N ILE A 209 -7.81 -29.05 -15.15
CA ILE A 209 -7.98 -27.58 -15.18
C ILE A 209 -9.01 -27.04 -16.17
N GLU A 210 -9.23 -27.80 -17.22
CA GLU A 210 -10.23 -27.54 -18.23
C GLU A 210 -11.66 -27.49 -17.69
N THR A 211 -11.89 -28.22 -16.61
CA THR A 211 -13.21 -28.30 -16.01
C THR A 211 -13.47 -27.20 -14.98
N PHE A 212 -12.47 -26.36 -14.68
CA PHE A 212 -12.59 -25.46 -13.54
C PHE A 212 -13.52 -24.29 -13.84
N ASP A 213 -14.49 -24.14 -12.95
CA ASP A 213 -15.48 -23.08 -13.01
C ASP A 213 -16.01 -22.84 -11.61
N LEU A 214 -16.84 -21.81 -11.50
CA LEU A 214 -17.48 -21.41 -10.24
C LEU A 214 -18.27 -22.52 -9.54
N LEU A 215 -18.99 -23.28 -10.35
CA LEU A 215 -19.86 -24.31 -9.79
C LEU A 215 -19.19 -25.69 -9.74
N THR A 216 -17.95 -25.79 -10.20
CA THR A 216 -17.31 -27.10 -10.36
C THR A 216 -16.09 -27.28 -9.47
N LEU A 217 -15.41 -26.17 -9.15
CA LEU A 217 -14.54 -26.15 -7.99
C LEU A 217 -15.39 -26.12 -6.72
N HIS A 218 -14.79 -26.53 -5.62
CA HIS A 218 -15.54 -26.55 -4.36
C HIS A 218 -15.64 -25.12 -3.79
N PRO A 219 -16.80 -24.67 -3.29
CA PRO A 219 -16.93 -23.31 -2.76
C PRO A 219 -16.04 -22.96 -1.57
N ILE A 220 -15.74 -23.97 -0.73
CA ILE A 220 -14.76 -23.76 0.33
C ILE A 220 -13.37 -23.51 -0.26
N GLU A 221 -13.04 -24.26 -1.30
CA GLU A 221 -11.71 -24.14 -1.89
C GLU A 221 -11.54 -22.90 -2.73
N ILE A 222 -12.59 -22.49 -3.43
CA ILE A 222 -12.64 -21.18 -4.08
C ILE A 222 -12.29 -20.05 -3.11
N ALA A 223 -13.00 -20.04 -1.98
CA ALA A 223 -12.75 -19.05 -0.96
C ALA A 223 -11.35 -19.09 -0.36
N ARG A 224 -10.86 -20.30 -0.12
CA ARG A 224 -9.55 -20.45 0.51
C ARG A 224 -8.39 -20.13 -0.42
N GLN A 225 -8.48 -20.53 -1.69
CA GLN A 225 -7.44 -20.17 -2.64
C GLN A 225 -7.47 -18.70 -3.04
N LEU A 226 -8.66 -18.11 -3.11
CA LEU A 226 -8.73 -16.65 -3.28
C LEU A 226 -8.23 -15.89 -2.06
N THR A 227 -8.44 -16.45 -0.88
CA THR A 227 -7.90 -15.84 0.34
C THR A 227 -6.38 -15.91 0.39
N LEU A 228 -5.81 -17.05 0.00
CA LEU A 228 -4.36 -17.17 -0.12
C LEU A 228 -3.75 -16.19 -1.11
N LEU A 229 -4.39 -16.10 -2.27
CA LEU A 229 -4.03 -15.13 -3.30
C LEU A 229 -4.12 -13.69 -2.81
N GLU A 230 -5.26 -13.31 -2.25
CA GLU A 230 -5.47 -11.94 -1.80
C GLU A 230 -4.60 -11.56 -0.60
N SER A 231 -4.29 -12.52 0.25
CA SER A 231 -3.33 -12.31 1.30
C SER A 231 -1.94 -11.97 0.76
N ASP A 232 -1.51 -12.66 -0.29
CA ASP A 232 -0.24 -12.32 -0.92
C ASP A 232 -0.28 -10.98 -1.65
N LEU A 233 -1.38 -10.71 -2.36
CA LEU A 233 -1.53 -9.43 -3.02
C LEU A 233 -1.55 -8.25 -2.06
N TYR A 234 -2.24 -8.43 -0.94
CA TYR A 234 -2.30 -7.43 0.12
C TYR A 234 -0.93 -7.17 0.74
N ARG A 235 -0.20 -8.25 1.00
CA ARG A 235 1.09 -8.17 1.65
C ARG A 235 2.20 -7.61 0.77
N ALA A 236 2.00 -7.67 -0.55
CA ALA A 236 3.01 -7.16 -1.46
C ALA A 236 2.97 -5.65 -1.67
N VAL A 237 1.89 -4.96 -1.27
CA VAL A 237 1.82 -3.52 -1.52
C VAL A 237 2.69 -2.76 -0.52
N GLN A 238 3.62 -1.97 -1.05
CA GLN A 238 4.42 -1.07 -0.26
C GLN A 238 3.67 0.24 -0.03
N PRO A 239 3.78 0.85 1.15
CA PRO A 239 3.26 2.19 1.46
C PRO A 239 3.40 3.29 0.41
N SER A 240 4.60 3.41 -0.15
CA SER A 240 4.92 4.48 -1.09
C SER A 240 4.11 4.48 -2.39
N GLU A 241 3.57 3.32 -2.76
CA GLU A 241 2.77 3.18 -3.96
C GLU A 241 1.43 3.92 -3.91
N LEU A 242 1.04 4.34 -2.71
CA LEU A 242 -0.22 5.01 -2.52
C LEU A 242 -0.10 6.54 -2.42
N VAL A 243 1.11 7.06 -2.25
CA VAL A 243 1.24 8.46 -1.87
C VAL A 243 1.18 9.34 -3.12
N GLY A 244 0.19 10.23 -3.13
CA GLY A 244 -0.06 11.03 -4.33
C GLY A 244 -1.12 10.41 -5.23
N SER A 245 -1.59 9.23 -4.82
CA SER A 245 -2.51 8.42 -5.60
C SER A 245 -1.89 7.95 -6.91
N VAL A 246 -0.72 7.33 -6.79
CA VAL A 246 0.10 6.93 -7.94
C VAL A 246 -0.63 6.01 -8.93
N TRP A 247 -1.58 5.24 -8.43
CA TRP A 247 -2.46 4.42 -9.27
C TRP A 247 -3.35 5.18 -10.26
N THR A 248 -3.41 6.50 -10.10
CA THR A 248 -4.10 7.38 -11.00
C THR A 248 -3.21 8.53 -11.48
N LYS A 249 -1.89 8.35 -11.36
CA LYS A 249 -0.93 9.20 -12.06
C LYS A 249 -0.47 8.48 -13.33
N GLU A 250 0.26 9.22 -14.17
CA GLU A 250 0.63 8.78 -15.51
C GLU A 250 1.81 7.80 -15.55
N ASP A 251 2.24 7.33 -14.40
CA ASP A 251 3.33 6.35 -14.26
C ASP A 251 2.90 5.17 -13.39
N LYS A 252 1.59 4.97 -13.29
CA LYS A 252 0.97 3.92 -12.49
C LYS A 252 1.55 2.52 -12.68
N GLU A 253 1.74 2.14 -13.95
CA GLU A 253 2.24 0.82 -14.28
C GLU A 253 3.75 0.68 -14.10
N ILE A 254 4.43 1.77 -13.75
CA ILE A 254 5.82 1.72 -13.32
C ILE A 254 5.86 1.67 -11.79
N ASN A 255 5.12 2.59 -11.16
CA ASN A 255 5.39 2.94 -9.77
C ASN A 255 4.29 2.55 -8.79
N SER A 256 3.27 1.87 -9.30
CA SER A 256 2.28 1.20 -8.47
C SER A 256 2.13 -0.29 -8.85
N PRO A 257 3.22 -1.07 -8.97
CA PRO A 257 3.13 -2.41 -9.54
C PRO A 257 2.31 -3.41 -8.74
N ASN A 258 2.53 -3.40 -7.44
CA ASN A 258 1.80 -4.32 -6.56
C ASN A 258 0.40 -3.81 -6.28
N LEU A 259 0.29 -2.49 -6.19
CA LEU A 259 -0.99 -1.83 -5.97
C LEU A 259 -1.96 -2.04 -7.13
N LEU A 260 -1.48 -1.88 -8.37
CA LEU A 260 -2.36 -2.17 -9.50
C LEU A 260 -2.72 -3.64 -9.63
N LYS A 261 -1.84 -4.53 -9.19
CA LYS A 261 -2.18 -5.96 -9.17
C LYS A 261 -3.30 -6.29 -8.19
N MET A 262 -3.34 -5.57 -7.06
CA MET A 262 -4.43 -5.66 -6.09
C MET A 262 -5.73 -5.08 -6.64
N ILE A 263 -5.62 -3.92 -7.26
CA ILE A 263 -6.77 -3.24 -7.87
C ILE A 263 -7.37 -4.02 -9.05
N ARG A 264 -6.51 -4.56 -9.90
CA ARG A 264 -6.96 -5.33 -11.06
C ARG A 264 -7.56 -6.66 -10.66
N HIS A 265 -6.95 -7.34 -9.68
CA HIS A 265 -7.58 -8.53 -9.09
C HIS A 265 -8.97 -8.29 -8.56
N THR A 266 -9.10 -7.20 -7.82
CA THR A 266 -10.38 -6.79 -7.24
C THR A 266 -11.45 -6.59 -8.32
N THR A 267 -11.04 -5.92 -9.39
CA THR A 267 -11.92 -5.69 -10.53
C THR A 267 -12.26 -6.99 -11.26
N ASN A 268 -11.25 -7.81 -11.53
CA ASN A 268 -11.50 -9.04 -12.26
C ASN A 268 -12.33 -10.06 -11.50
N LEU A 269 -12.12 -10.20 -10.20
CA LEU A 269 -12.96 -11.13 -9.44
C LEU A 269 -14.38 -10.63 -9.30
N THR A 270 -14.53 -9.33 -9.07
CA THR A 270 -15.86 -8.77 -8.85
C THR A 270 -16.71 -8.83 -10.12
N LEU A 271 -16.09 -8.44 -11.25
CA LEU A 271 -16.79 -8.55 -12.53
C LEU A 271 -16.98 -9.99 -13.00
N TRP A 272 -16.13 -10.91 -12.54
CA TRP A 272 -16.31 -12.32 -12.83
C TRP A 272 -17.52 -12.91 -12.11
N PHE A 273 -17.73 -12.50 -10.86
CA PHE A 273 -18.96 -12.86 -10.17
C PHE A 273 -20.21 -12.33 -10.87
N GLU A 274 -20.16 -11.07 -11.29
CA GLU A 274 -21.27 -10.48 -12.05
C GLU A 274 -21.53 -11.18 -13.38
N LYS A 275 -20.45 -11.47 -14.11
CA LYS A 275 -20.51 -12.20 -15.36
C LYS A 275 -21.14 -13.58 -15.21
N CYS A 276 -20.66 -14.33 -14.23
CA CYS A 276 -21.23 -15.62 -13.89
C CYS A 276 -22.73 -15.62 -13.63
N ILE A 277 -23.18 -14.59 -12.93
CA ILE A 277 -24.59 -14.41 -12.65
C ILE A 277 -25.37 -14.07 -13.92
N VAL A 278 -25.04 -12.97 -14.58
CA VAL A 278 -25.92 -12.49 -15.65
C VAL A 278 -25.86 -13.30 -16.93
N GLU A 279 -24.74 -13.98 -17.18
CA GLU A 279 -24.66 -14.87 -18.33
C GLU A 279 -25.17 -16.28 -18.04
N THR A 280 -25.77 -16.49 -16.87
CA THR A 280 -26.59 -17.67 -16.66
C THR A 280 -28.03 -17.19 -16.86
N GLU A 281 -28.57 -17.43 -18.04
CA GLU A 281 -29.86 -16.85 -18.39
C GLU A 281 -31.04 -17.60 -17.79
N ASN A 282 -30.86 -18.88 -17.53
CA ASN A 282 -31.87 -19.66 -16.83
C ASN A 282 -31.91 -19.24 -15.37
N LEU A 283 -33.11 -18.85 -14.94
CA LEU A 283 -33.36 -18.38 -13.58
C LEU A 283 -32.92 -19.37 -12.51
N GLU A 284 -33.32 -20.62 -12.67
CA GLU A 284 -33.04 -21.64 -11.66
C GLU A 284 -31.57 -21.98 -11.52
N GLU A 285 -30.86 -21.97 -12.65
CA GLU A 285 -29.42 -22.06 -12.62
C GLU A 285 -28.75 -20.83 -12.02
N ARG A 286 -29.30 -19.65 -12.31
CA ARG A 286 -28.74 -18.41 -11.80
C ARG A 286 -28.91 -18.25 -10.29
N VAL A 287 -29.98 -18.82 -9.75
CA VAL A 287 -30.12 -18.95 -8.30
C VAL A 287 -29.01 -19.82 -7.71
N ALA A 288 -28.68 -20.92 -8.38
CA ALA A 288 -27.56 -21.76 -7.96
C ALA A 288 -26.21 -21.04 -8.00
N VAL A 289 -26.00 -20.24 -9.05
CA VAL A 289 -24.83 -19.37 -9.13
C VAL A 289 -24.73 -18.37 -7.99
N VAL A 290 -25.79 -17.59 -7.78
CA VAL A 290 -25.81 -16.61 -6.71
C VAL A 290 -25.65 -17.25 -5.32
N SER A 291 -26.35 -18.36 -5.11
CA SER A 291 -26.25 -19.13 -3.89
C SER A 291 -24.83 -19.65 -3.63
N ARG A 292 -24.14 -20.07 -4.68
CA ARG A 292 -22.76 -20.53 -4.54
C ARG A 292 -21.79 -19.40 -4.19
N ILE A 293 -22.04 -18.20 -4.74
CA ILE A 293 -21.21 -17.05 -4.41
C ILE A 293 -21.46 -16.57 -2.97
N ILE A 294 -22.68 -16.69 -2.48
CA ILE A 294 -22.95 -16.41 -1.08
C ILE A 294 -22.28 -17.43 -0.15
N GLU A 295 -22.18 -18.69 -0.58
CA GLU A 295 -21.43 -19.69 0.17
C GLU A 295 -19.93 -19.46 0.17
N ILE A 296 -19.40 -18.93 -0.93
CA ILE A 296 -18.02 -18.47 -0.95
C ILE A 296 -17.82 -17.30 0.02
N LEU A 297 -18.78 -16.37 0.03
CA LEU A 297 -18.81 -15.30 1.04
C LEU A 297 -18.84 -15.78 2.48
N GLN A 298 -19.60 -16.84 2.76
CA GLN A 298 -19.56 -17.46 4.09
C GLN A 298 -18.17 -17.91 4.51
N VAL A 299 -17.48 -18.59 3.60
CA VAL A 299 -16.13 -19.06 3.91
C VAL A 299 -15.13 -17.91 3.96
N PHE A 300 -15.31 -16.86 3.15
CA PHE A 300 -14.54 -15.63 3.34
C PHE A 300 -14.75 -14.99 4.72
N GLN A 301 -16.01 -14.99 5.18
CA GLN A 301 -16.32 -14.52 6.52
C GLN A 301 -15.72 -15.38 7.62
N GLU A 302 -15.71 -16.70 7.44
CA GLU A 302 -15.08 -17.62 8.39
C GLU A 302 -13.56 -17.47 8.47
N LEU A 303 -12.96 -17.10 7.35
CA LEU A 303 -11.52 -16.89 7.29
C LEU A 303 -11.10 -15.49 7.73
N ASN A 304 -12.05 -14.57 7.88
CA ASN A 304 -11.73 -13.16 8.12
C ASN A 304 -11.06 -12.47 6.94
N ASN A 305 -11.38 -12.97 5.75
CA ASN A 305 -10.99 -12.27 4.53
C ASN A 305 -12.10 -11.26 4.25
N PHE A 306 -11.99 -10.11 4.88
CA PHE A 306 -12.90 -9.01 4.65
C PHE A 306 -12.88 -8.47 3.23
N ASN A 307 -11.72 -8.57 2.58
CA ASN A 307 -11.59 -8.17 1.18
C ASN A 307 -12.47 -9.01 0.25
N GLY A 308 -12.56 -10.30 0.53
CA GLY A 308 -13.36 -11.18 -0.30
C GLY A 308 -14.83 -11.09 -0.03
N VAL A 309 -15.19 -10.84 1.23
CA VAL A 309 -16.57 -10.52 1.59
C VAL A 309 -17.06 -9.29 0.84
N LEU A 310 -16.28 -8.22 0.92
CA LEU A 310 -16.72 -6.96 0.36
C LEU A 310 -16.57 -6.85 -1.16
N GLU A 311 -15.81 -7.77 -1.76
CA GLU A 311 -15.86 -7.99 -3.21
C GLU A 311 -17.18 -8.61 -3.66
N VAL A 312 -17.69 -9.58 -2.89
CA VAL A 312 -19.01 -10.14 -3.19
C VAL A 312 -20.11 -9.11 -2.94
N VAL A 313 -20.00 -8.31 -1.88
CA VAL A 313 -20.93 -7.19 -1.67
C VAL A 313 -20.96 -6.24 -2.86
N SER A 314 -19.78 -5.93 -3.39
CA SER A 314 -19.66 -5.12 -4.59
C SER A 314 -20.31 -5.75 -5.82
N ALA A 315 -20.17 -7.06 -5.98
CA ALA A 315 -20.81 -7.74 -7.11
C ALA A 315 -22.32 -7.81 -6.95
N MET A 316 -22.78 -8.08 -5.74
CA MET A 316 -24.22 -8.22 -5.50
C MET A 316 -24.96 -6.89 -5.47
N ASN A 317 -24.24 -5.82 -5.16
CA ASN A 317 -24.81 -4.46 -5.24
C ASN A 317 -24.58 -3.80 -6.59
N SER A 318 -23.97 -4.50 -7.53
CA SER A 318 -23.77 -3.96 -8.86
C SER A 318 -25.10 -3.73 -9.59
N SER A 319 -25.12 -2.72 -10.46
CA SER A 319 -26.26 -2.50 -11.36
C SER A 319 -26.83 -3.72 -12.09
N PRO A 320 -26.01 -4.58 -12.73
CA PRO A 320 -26.49 -5.84 -13.28
C PRO A 320 -27.09 -6.82 -12.29
N VAL A 321 -26.48 -7.00 -11.14
CA VAL A 321 -26.92 -8.08 -10.26
C VAL A 321 -28.04 -7.63 -9.33
N TYR A 322 -27.96 -6.42 -8.79
CA TYR A 322 -28.85 -6.01 -7.69
C TYR A 322 -30.33 -5.93 -8.07
N ARG A 323 -30.57 -5.73 -9.36
CA ARG A 323 -31.94 -5.66 -9.85
C ARG A 323 -32.58 -7.02 -10.17
N LEU A 324 -31.85 -8.12 -9.99
CA LEU A 324 -32.34 -9.44 -10.36
C LEU A 324 -33.22 -10.04 -9.26
N ASP A 325 -34.36 -9.39 -9.06
CA ASP A 325 -35.25 -9.70 -7.95
C ASP A 325 -35.83 -11.11 -7.97
N HIS A 326 -36.03 -11.66 -9.18
CA HIS A 326 -36.56 -13.02 -9.25
C HIS A 326 -35.53 -14.06 -8.85
N THR A 327 -34.26 -13.72 -9.00
CA THR A 327 -33.20 -14.61 -8.55
C THR A 327 -33.14 -14.56 -7.03
N PHE A 328 -33.05 -13.35 -6.48
CA PHE A 328 -32.92 -13.21 -5.04
C PHE A 328 -34.16 -13.62 -4.24
N GLU A 329 -35.34 -13.59 -4.86
CA GLU A 329 -36.54 -14.16 -4.23
C GLU A 329 -36.43 -15.65 -3.89
N GLN A 330 -35.63 -16.36 -4.68
CA GLN A 330 -35.44 -17.79 -4.46
C GLN A 330 -34.17 -18.11 -3.67
N ILE A 331 -33.39 -17.09 -3.32
CA ILE A 331 -32.28 -17.29 -2.40
C ILE A 331 -32.88 -17.37 -0.99
N PRO A 332 -32.53 -18.38 -0.18
CA PRO A 332 -33.15 -18.56 1.13
C PRO A 332 -32.77 -17.52 2.15
N SER A 333 -33.63 -17.42 3.17
CA SER A 333 -33.52 -16.39 4.20
C SER A 333 -32.21 -16.40 4.97
N ARG A 334 -31.64 -17.59 5.09
CA ARG A 334 -30.30 -17.77 5.66
C ARG A 334 -29.23 -17.02 4.88
N GLN A 335 -29.25 -17.20 3.57
CA GLN A 335 -28.28 -16.57 2.70
C GLN A 335 -28.55 -15.07 2.51
N LYS A 336 -29.82 -14.69 2.59
CA LYS A 336 -30.15 -13.27 2.64
C LYS A 336 -29.63 -12.55 3.88
N LYS A 337 -29.74 -13.20 5.04
CA LYS A 337 -29.17 -12.65 6.28
C LYS A 337 -27.66 -12.48 6.18
N ILE A 338 -27.01 -13.48 5.62
CA ILE A 338 -25.58 -13.42 5.31
C ILE A 338 -25.19 -12.26 4.40
N LEU A 339 -25.94 -12.03 3.32
CA LEU A 339 -25.65 -10.85 2.49
C LEU A 339 -25.96 -9.52 3.18
N GLU A 340 -27.03 -9.49 3.97
CA GLU A 340 -27.39 -8.30 4.72
C GLU A 340 -26.31 -7.93 5.74
N GLU A 341 -25.83 -8.92 6.48
CA GLU A 341 -24.72 -8.72 7.40
C GLU A 341 -23.42 -8.32 6.72
N ALA A 342 -23.19 -8.86 5.52
CA ALA A 342 -22.05 -8.46 4.73
C ALA A 342 -22.16 -7.03 4.23
N HIS A 343 -23.35 -6.61 3.82
CA HIS A 343 -23.56 -5.20 3.46
C HIS A 343 -23.40 -4.27 4.65
N GLU A 344 -23.88 -4.71 5.81
CA GLU A 344 -23.76 -3.94 7.04
C GLU A 344 -22.34 -3.62 7.46
N LEU A 345 -21.36 -4.38 6.97
CA LEU A 345 -19.95 -4.00 7.10
C LEU A 345 -19.63 -2.60 6.58
N SER A 346 -20.28 -2.23 5.49
CA SER A 346 -20.03 -0.95 4.84
C SER A 346 -20.88 0.20 5.38
N GLU A 347 -22.00 -0.14 6.01
CA GLU A 347 -22.97 0.83 6.48
C GLU A 347 -22.40 1.75 7.56
N ASP A 348 -22.76 3.02 7.44
CA ASP A 348 -22.34 4.07 8.36
C ASP A 348 -20.83 4.30 8.31
N HIS A 349 -20.31 4.41 7.10
CA HIS A 349 -18.91 4.76 6.91
C HIS A 349 -17.96 3.64 7.33
N TYR A 350 -18.44 2.41 7.21
CA TYR A 350 -17.66 1.23 7.54
C TYR A 350 -17.55 0.94 9.04
N LYS A 351 -18.54 1.40 9.80
CA LYS A 351 -18.53 1.23 11.26
C LYS A 351 -18.41 -0.22 11.72
N LYS A 352 -19.27 -1.07 11.18
CA LYS A 352 -19.24 -2.48 11.55
C LYS A 352 -17.99 -3.20 11.05
N TYR A 353 -17.48 -2.81 9.88
CA TYR A 353 -16.21 -3.35 9.39
C TYR A 353 -15.06 -3.11 10.36
N LEU A 354 -14.87 -1.86 10.74
CA LEU A 354 -13.73 -1.51 11.57
C LEU A 354 -13.86 -2.08 12.98
N ALA A 355 -15.09 -2.11 13.49
CA ALA A 355 -15.33 -2.77 14.78
C ALA A 355 -15.08 -4.28 14.74
N LYS A 356 -15.45 -4.94 13.65
CA LYS A 356 -15.17 -6.36 13.50
C LYS A 356 -13.68 -6.62 13.29
N LEU A 357 -13.05 -5.81 12.43
CA LEU A 357 -11.61 -5.93 12.16
C LEU A 357 -10.73 -5.73 13.38
N ARG A 358 -11.17 -4.84 14.27
CA ARG A 358 -10.42 -4.58 15.50
C ARG A 358 -10.82 -5.50 16.66
N SER A 359 -11.58 -6.56 16.37
CA SER A 359 -11.99 -7.51 17.40
C SER A 359 -11.77 -8.98 17.05
N ILE A 360 -11.58 -9.26 15.77
CA ILE A 360 -11.15 -10.59 15.33
C ILE A 360 -9.67 -10.84 15.62
N ASN A 361 -9.31 -12.11 15.53
CA ASN A 361 -7.91 -12.52 15.69
C ASN A 361 -7.31 -12.77 14.31
N PRO A 362 -6.01 -12.49 14.11
CA PRO A 362 -5.24 -12.97 12.96
C PRO A 362 -5.38 -14.46 12.65
N PRO A 363 -5.22 -14.90 11.39
CA PRO A 363 -4.94 -14.09 10.21
C PRO A 363 -6.17 -13.41 9.64
N CYS A 364 -5.95 -12.39 8.82
CA CYS A 364 -7.04 -11.73 8.12
C CYS A 364 -6.54 -11.23 6.78
N VAL A 365 -7.48 -10.88 5.91
CA VAL A 365 -7.16 -9.97 4.82
C VAL A 365 -8.13 -8.80 4.98
N PRO A 366 -7.66 -7.62 5.42
CA PRO A 366 -8.49 -6.41 5.47
C PRO A 366 -9.05 -6.02 4.11
N PHE A 367 -10.16 -5.29 4.14
CA PHE A 367 -10.71 -4.78 2.89
C PHE A 367 -9.83 -3.64 2.40
N PHE A 368 -9.31 -3.81 1.19
CA PHE A 368 -8.30 -2.88 0.71
C PHE A 368 -8.87 -1.56 0.20
N GLY A 369 -10.15 -1.55 -0.16
CA GLY A 369 -10.64 -0.43 -0.95
C GLY A 369 -11.08 0.78 -0.15
N ILE A 370 -11.36 0.55 1.13
CA ILE A 370 -11.56 1.65 2.06
C ILE A 370 -10.29 2.49 2.25
N TYR A 371 -9.14 1.84 2.23
CA TYR A 371 -7.88 2.56 2.35
C TYR A 371 -7.61 3.45 1.15
N LEU A 372 -7.89 2.92 -0.04
CA LEU A 372 -7.80 3.72 -1.26
C LEU A 372 -8.75 4.90 -1.28
N THR A 373 -9.96 4.66 -0.79
CA THR A 373 -10.97 5.71 -0.68
C THR A 373 -10.55 6.80 0.30
N ASN A 374 -10.02 6.39 1.45
CA ASN A 374 -9.59 7.36 2.46
C ASN A 374 -8.36 8.14 2.03
N ILE A 375 -7.46 7.49 1.30
CA ILE A 375 -6.33 8.19 0.71
C ILE A 375 -6.79 9.18 -0.36
N LEU A 376 -7.74 8.81 -1.22
CA LEU A 376 -8.27 9.79 -2.16
C LEU A 376 -9.02 10.96 -1.53
N LYS A 377 -9.80 10.69 -0.47
CA LYS A 377 -10.42 11.78 0.29
C LYS A 377 -9.40 12.72 0.94
N THR A 378 -8.28 12.15 1.35
CA THR A 378 -7.17 12.92 1.92
C THR A 378 -6.45 13.73 0.85
N GLU A 379 -6.28 13.13 -0.33
CA GLU A 379 -5.63 13.80 -1.45
C GLU A 379 -6.46 14.95 -2.00
N GLU A 380 -7.76 14.73 -2.14
CA GLU A 380 -8.65 15.75 -2.70
C GLU A 380 -9.08 16.81 -1.68
N GLY A 381 -8.85 16.55 -0.40
CA GLY A 381 -9.38 17.43 0.62
C GLY A 381 -8.35 18.32 1.29
N ASN A 382 -7.09 18.18 0.88
CA ASN A 382 -6.00 18.97 1.46
C ASN A 382 -5.18 19.57 0.33
N PRO A 383 -4.69 20.81 0.45
CA PRO A 383 -3.86 21.42 -0.59
C PRO A 383 -2.45 20.85 -0.58
N GLU A 384 -1.79 20.96 -1.73
CA GLU A 384 -0.41 20.50 -1.84
C GLU A 384 0.56 21.47 -1.18
N VAL A 385 0.23 22.74 -1.27
CA VAL A 385 1.00 23.80 -0.67
C VAL A 385 0.11 24.71 0.16
N LEU A 386 0.64 25.12 1.30
CA LEU A 386 0.05 26.20 2.08
C LEU A 386 0.69 27.51 1.65
N LYS A 387 -0.12 28.55 1.54
CA LYS A 387 0.42 29.88 1.24
C LYS A 387 0.77 30.58 2.54
N ARG A 388 1.95 31.19 2.59
CA ARG A 388 2.33 32.06 3.70
C ARG A 388 3.12 33.21 3.16
N HIS A 389 2.57 34.42 3.27
CA HIS A 389 3.31 35.65 3.02
C HIS A 389 3.75 35.87 1.57
N GLY A 390 3.14 35.12 0.67
CA GLY A 390 3.53 35.14 -0.73
C GLY A 390 4.33 33.92 -1.15
N LYS A 391 4.78 33.14 -0.18
CA LYS A 391 5.56 31.94 -0.42
C LYS A 391 4.64 30.72 -0.32
N GLU A 392 5.02 29.65 -1.00
CA GLU A 392 4.28 28.39 -0.96
C GLU A 392 5.13 27.37 -0.21
N LEU A 393 4.52 26.74 0.78
CA LEU A 393 5.18 25.77 1.63
C LEU A 393 4.52 24.42 1.42
N ILE A 394 5.32 23.37 1.30
CA ILE A 394 4.82 22.01 1.10
C ILE A 394 4.00 21.58 2.30
N ASN A 395 2.79 21.09 2.04
CA ASN A 395 1.90 20.62 3.09
C ASN A 395 2.36 19.24 3.53
N PHE A 396 3.18 19.22 4.58
CA PHE A 396 3.67 17.94 5.07
C PHE A 396 2.63 17.22 5.93
N SER A 397 1.74 17.97 6.59
CA SER A 397 0.61 17.36 7.29
C SER A 397 -0.27 16.45 6.44
N LYS A 398 -0.49 16.87 5.20
CA LYS A 398 -1.14 16.01 4.21
C LYS A 398 -0.39 14.70 3.94
N ARG A 399 0.93 14.78 3.86
CA ARG A 399 1.74 13.59 3.63
C ARG A 399 1.77 12.68 4.85
N ARG A 400 1.86 13.26 6.03
CA ARG A 400 1.73 12.50 7.26
C ARG A 400 0.38 11.79 7.40
N LYS A 401 -0.69 12.45 6.98
CA LYS A 401 -2.02 11.86 6.99
C LYS A 401 -2.12 10.62 6.09
N VAL A 402 -1.57 10.71 4.88
CA VAL A 402 -1.54 9.54 3.99
C VAL A 402 -0.64 8.44 4.56
N ALA A 403 0.51 8.83 5.09
CA ALA A 403 1.43 7.88 5.70
C ALA A 403 0.84 7.11 6.88
N GLU A 404 0.08 7.82 7.72
CA GLU A 404 -0.70 7.19 8.78
C GLU A 404 -1.66 6.11 8.28
N ILE A 405 -2.38 6.42 7.20
CA ILE A 405 -3.25 5.43 6.58
C ILE A 405 -2.48 4.22 6.03
N THR A 406 -1.31 4.45 5.44
CA THR A 406 -0.48 3.33 5.01
C THR A 406 0.01 2.43 6.15
N GLY A 407 0.16 3.01 7.34
CA GLY A 407 0.57 2.21 8.48
C GLY A 407 -0.55 1.36 9.04
N GLU A 408 -1.78 1.84 8.86
CA GLU A 408 -2.96 1.04 9.17
C GLU A 408 -3.20 -0.11 8.20
N ILE A 409 -2.63 -0.04 7.00
CA ILE A 409 -2.59 -1.20 6.10
C ILE A 409 -1.53 -2.18 6.59
N GLN A 410 -0.37 -1.60 6.87
CA GLN A 410 0.87 -2.35 7.08
C GLN A 410 0.87 -3.25 8.29
N GLN A 411 0.16 -2.84 9.33
CA GLN A 411 -0.04 -3.67 10.53
C GLN A 411 -0.72 -5.02 10.32
N TYR A 412 -1.38 -5.20 9.18
CA TYR A 412 -2.02 -6.47 8.86
C TYR A 412 -1.26 -7.25 7.80
N GLN A 413 -0.08 -6.77 7.38
CA GLN A 413 0.69 -7.49 6.35
C GLN A 413 1.58 -8.60 6.91
N ASN A 414 1.40 -8.92 8.19
CA ASN A 414 2.27 -9.80 8.95
C ASN A 414 1.72 -11.21 9.18
N GLN A 415 0.57 -11.52 8.59
CA GLN A 415 -0.25 -12.61 9.11
C GLN A 415 -0.82 -13.53 8.02
N PRO A 416 0.00 -14.43 7.44
CA PRO A 416 -0.48 -15.39 6.46
C PRO A 416 -1.27 -16.54 7.08
N TYR A 417 -1.81 -17.37 6.19
CA TYR A 417 -2.83 -18.32 6.56
C TYR A 417 -2.30 -19.73 6.69
N CYS A 418 -2.90 -20.47 7.61
CA CYS A 418 -2.72 -21.92 7.73
C CYS A 418 -3.64 -22.66 6.75
N LEU A 419 -3.46 -22.36 5.48
CA LEU A 419 -4.23 -22.96 4.40
C LEU A 419 -3.27 -23.55 3.40
N ARG A 420 -3.66 -24.68 2.83
CA ARG A 420 -2.83 -25.31 1.79
C ARG A 420 -3.12 -24.67 0.45
N VAL A 421 -2.06 -24.32 -0.26
CA VAL A 421 -2.19 -23.78 -1.61
C VAL A 421 -2.41 -24.93 -2.59
N GLU A 422 -3.32 -24.70 -3.53
CA GLU A 422 -3.50 -25.59 -4.66
C GLU A 422 -3.07 -24.77 -5.86
N SER A 423 -2.00 -25.20 -6.51
CA SER A 423 -1.33 -24.37 -7.50
C SER A 423 -2.12 -24.15 -8.79
N ASP A 424 -2.96 -25.12 -9.15
CA ASP A 424 -3.75 -24.98 -10.37
C ASP A 424 -4.94 -24.06 -10.15
N ILE A 425 -5.60 -24.20 -9.01
CA ILE A 425 -6.70 -23.30 -8.65
C ILE A 425 -6.19 -21.87 -8.44
N LYS A 426 -5.02 -21.75 -7.81
CA LYS A 426 -4.33 -20.47 -7.70
C LYS A 426 -4.05 -19.83 -9.05
N ARG A 427 -3.42 -20.60 -9.94
CA ARG A 427 -3.13 -20.11 -11.28
C ARG A 427 -4.37 -19.79 -12.12
N PHE A 428 -5.42 -20.57 -11.93
CA PHE A 428 -6.73 -20.29 -12.51
C PHE A 428 -7.28 -18.92 -12.10
N PHE A 429 -7.27 -18.65 -10.80
CA PHE A 429 -7.79 -17.38 -10.31
C PHE A 429 -6.89 -16.19 -10.56
N GLU A 430 -5.58 -16.43 -10.65
CA GLU A 430 -4.66 -15.38 -11.10
C GLU A 430 -4.88 -14.94 -12.55
N ASN A 431 -5.50 -15.81 -13.33
CA ASN A 431 -5.73 -15.58 -14.74
C ASN A 431 -7.20 -15.32 -15.05
N LEU A 432 -7.93 -14.76 -14.09
CA LEU A 432 -9.28 -14.27 -14.42
C LEU A 432 -9.20 -13.06 -15.33
N ASN A 433 -9.97 -13.11 -16.40
CA ASN A 433 -10.25 -11.92 -17.18
C ASN A 433 -11.68 -12.06 -17.67
N PRO A 434 -12.67 -11.50 -16.97
CA PRO A 434 -14.06 -11.57 -17.42
C PRO A 434 -14.37 -10.62 -18.55
N MET A 435 -13.64 -9.51 -18.61
CA MET A 435 -13.90 -8.48 -19.61
C MET A 435 -13.33 -8.86 -20.97
N GLY A 436 -12.14 -9.44 -20.96
CA GLY A 436 -11.59 -9.96 -22.19
C GLY A 436 -10.90 -8.85 -22.95
N ASN A 437 -11.55 -8.46 -24.04
CA ASN A 437 -11.13 -7.30 -24.81
C ASN A 437 -11.99 -6.07 -24.52
N SER A 438 -13.04 -6.23 -23.72
CA SER A 438 -13.89 -5.11 -23.33
C SER A 438 -13.18 -4.22 -22.31
N MET A 439 -13.70 -3.00 -22.13
CA MET A 439 -13.29 -2.19 -20.99
C MET A 439 -14.41 -2.18 -19.97
N GLU A 440 -14.03 -1.94 -18.72
CA GLU A 440 -14.90 -1.99 -17.55
C GLU A 440 -16.28 -1.32 -17.67
N LYS A 441 -16.29 -0.06 -18.08
CA LYS A 441 -17.54 0.67 -18.29
C LYS A 441 -18.45 0.02 -19.34
N GLU A 442 -17.85 -0.30 -20.48
CA GLU A 442 -18.63 -0.90 -21.55
C GLU A 442 -19.00 -2.36 -21.28
N PHE A 443 -18.18 -3.04 -20.51
CA PHE A 443 -18.50 -4.37 -20.04
C PHE A 443 -19.64 -4.38 -19.04
N THR A 444 -19.62 -3.45 -18.08
CA THR A 444 -20.72 -3.34 -17.14
C THR A 444 -22.01 -2.82 -17.77
N ASP A 445 -21.91 -1.99 -18.81
CA ASP A 445 -23.08 -1.69 -19.63
C ASP A 445 -23.58 -2.89 -20.42
N TYR A 446 -22.67 -3.71 -20.94
CA TYR A 446 -23.03 -5.03 -21.46
C TYR A 446 -23.75 -5.89 -20.42
N LEU A 447 -23.16 -6.04 -19.24
CA LEU A 447 -23.78 -6.83 -18.18
C LEU A 447 -25.12 -6.28 -17.71
N PHE A 448 -25.28 -4.96 -17.73
CA PHE A 448 -26.56 -4.36 -17.40
C PHE A 448 -27.63 -4.63 -18.45
N ASN A 449 -27.23 -4.56 -19.71
CA ASN A 449 -28.12 -4.98 -20.79
C ASN A 449 -28.44 -6.47 -20.77
N LYS A 450 -27.46 -7.27 -20.35
CA LYS A 450 -27.69 -8.70 -20.13
C LYS A 450 -28.61 -8.97 -18.95
N SER A 451 -28.49 -8.18 -17.89
CA SER A 451 -29.44 -8.22 -16.78
C SER A 451 -30.87 -7.91 -17.22
N LEU A 452 -31.01 -6.87 -18.04
CA LEU A 452 -32.32 -6.52 -18.59
C LEU A 452 -32.88 -7.53 -19.58
N GLU A 453 -32.00 -8.34 -20.18
CA GLU A 453 -32.43 -9.46 -21.00
C GLU A 453 -33.01 -10.59 -20.13
N ILE A 454 -32.24 -11.00 -19.13
CA ILE A 454 -32.60 -12.22 -18.38
C ILE A 454 -33.74 -12.00 -17.40
N GLU A 455 -33.83 -10.78 -16.86
CA GLU A 455 -34.98 -10.37 -16.09
C GLU A 455 -35.42 -9.01 -16.62
N PRO A 456 -36.38 -8.95 -17.56
CA PRO A 456 -36.87 -7.69 -18.07
C PRO A 456 -37.69 -6.89 -17.07
N ARG A 457 -37.89 -5.62 -17.41
CA ARG A 457 -38.50 -4.68 -16.49
C ARG A 457 -40.01 -4.80 -16.47
N ASN A 458 -40.57 -4.46 -15.32
CA ASN A 458 -41.93 -4.77 -14.87
C ASN A 458 -43.00 -5.27 -15.85
N PRO A 459 -43.52 -4.43 -16.77
CA PRO A 459 -44.61 -4.82 -17.65
C PRO A 459 -44.21 -5.70 -18.84
N LYS A 460 -42.93 -6.04 -18.96
CA LYS A 460 -42.49 -7.06 -19.91
C LYS A 460 -42.22 -8.33 -19.09
N PRO A 461 -43.06 -9.38 -19.17
CA PRO A 461 -42.85 -10.61 -18.42
C PRO A 461 -41.54 -11.34 -18.67
N LEU A 462 -41.13 -12.12 -17.68
CA LEU A 462 -39.85 -12.83 -17.74
C LEU A 462 -39.96 -14.07 -18.63
N PRO A 463 -39.15 -14.19 -19.70
CA PRO A 463 -39.18 -15.36 -20.57
C PRO A 463 -38.39 -16.54 -20.00
N ARG A 464 -38.69 -17.73 -20.51
CA ARG A 464 -37.97 -18.92 -20.09
C ARG A 464 -36.74 -19.10 -20.97
N PHE A 465 -35.61 -19.33 -20.32
CA PHE A 465 -34.35 -19.51 -21.04
C PHE A 465 -33.83 -20.94 -20.82
N PRO A 466 -33.06 -21.50 -21.77
CA PRO A 466 -32.53 -22.84 -21.62
C PRO A 466 -31.38 -22.92 -20.62
N LYS A 467 -31.12 -24.14 -20.18
CA LYS A 467 -29.98 -24.43 -19.33
C LYS A 467 -28.65 -24.32 -20.06
N LYS A 468 -27.59 -24.13 -19.30
CA LYS A 468 -26.24 -24.22 -19.84
C LYS A 468 -25.33 -25.18 -19.09
N TYR A 469 -25.75 -25.60 -17.89
CA TYR A 469 -24.90 -26.49 -17.10
C TYR A 469 -25.40 -27.90 -17.27
N SER A 470 -24.49 -28.76 -17.71
CA SER A 470 -24.79 -30.16 -17.97
C SER A 470 -24.44 -31.05 -16.77
N TYR A 471 -24.42 -30.46 -15.58
CA TYR A 471 -23.91 -31.11 -14.38
C TYR A 471 -24.80 -30.78 -13.19
N PRO A 472 -24.79 -31.58 -12.11
CA PRO A 472 -25.50 -31.26 -10.88
C PRO A 472 -25.17 -29.91 -10.29
N LEU A 473 -26.20 -29.16 -9.91
CA LEU A 473 -25.99 -27.80 -9.41
C LEU A 473 -26.13 -27.69 -7.90
N LYS A 474 -26.36 -28.82 -7.24
CA LYS A 474 -26.39 -28.83 -5.78
C LYS A 474 -24.97 -28.68 -5.24
N SER A 475 -24.82 -27.72 -4.34
CA SER A 475 -23.53 -27.47 -3.72
C SER A 475 -23.17 -28.56 -2.73
N PRO A 476 -21.87 -28.82 -2.49
CA PRO A 476 -21.45 -29.69 -1.41
C PRO A 476 -21.57 -29.05 -0.03
N GLY A 477 -21.62 -27.72 0.02
CA GLY A 477 -21.82 -27.02 1.28
C GLY A 477 -20.56 -26.32 1.76
N VAL A 478 -20.72 -25.57 2.84
CA VAL A 478 -19.60 -24.82 3.40
C VAL A 478 -18.96 -25.53 4.59
N ARG A 479 -19.54 -26.65 5.01
CA ARG A 479 -18.92 -27.44 6.07
C ARG A 479 -17.84 -28.34 5.48
N PRO A 480 -16.66 -28.42 6.10
CA PRO A 480 -15.55 -29.20 5.56
C PRO A 480 -15.72 -30.70 5.78
N SER A 481 -14.90 -31.46 5.08
CA SER A 481 -14.89 -32.93 5.17
C SER A 481 -14.19 -33.47 6.43
N ASN A 482 -14.64 -32.99 7.59
CA ASN A 482 -14.19 -33.50 8.88
C ASN A 482 -14.93 -34.79 9.23
N1 A1BME B . -28.27 -4.80 1.69
N3 A1BME B . -29.72 -2.50 4.92
C4 A1BME B . -28.06 -2.88 0.25
C5 A1BME B . -27.86 -4.28 0.57
C6 A1BME B . -28.90 -0.76 0.98
C7 A1BME B . -28.48 -0.13 -0.30
C8 A1BME B . -27.66 -2.35 -0.90
C10 A1BME B . -30.18 -3.90 4.86
C13 A1BME B . -25.86 -0.08 -2.38
C15 A1BME B . -26.99 -0.65 -4.97
C17 A1BME B . -26.88 -6.47 -0.20
C20 A1BME B . -28.78 -8.18 -0.39
C21 A1BME B . -29.63 -9.00 -1.19
C22 A1BME B . -29.50 -8.97 -2.59
C24 A1BME B . -27.70 -7.35 -2.43
C26 A1BME B . -30.68 -9.90 -0.54
C1 A1BME B . -28.88 -4.02 2.70
C2 A1BME B . -29.10 -2.69 2.50
C3 A1BME B . -28.70 -2.08 1.23
N2 A1BME B . -27.85 -0.99 -1.19
C9 A1BME B . -29.24 -4.72 3.99
C11 A1BME B . -29.74 -1.84 3.60
C12 A1BME B . -27.35 -0.46 -2.48
C14 A1BME B . -25.40 0.57 -3.69
O1 A1BME B . -25.61 -0.32 -4.77
C16 A1BME B . -27.55 -1.35 -3.72
N4 A1BME B . -27.18 -5.04 -0.39
C18 A1BME B . -27.81 -7.35 -1.03
C19 A1BME B . -25.41 -6.79 -0.52
C23 A1BME B . -28.55 -8.16 -3.21
C25 A1BME B . -28.92 -8.18 1.13
O2 A1BME B . -28.64 1.07 -0.55
F1 A1BME B . -31.40 -10.55 -1.46
F2 A1BME B . -30.11 -10.83 0.22
F3 A1BME B . -31.54 -9.20 0.20
H32 A1BME B . -28.77 -2.47 5.27
HC6 A1BME B . -29.39 -0.15 1.72
HC8 A1BME B . -27.17 -2.90 -1.67
H102 A1BME B . -31.19 -3.92 4.47
H101 A1BME B . -30.22 -4.30 5.88
H131 A1BME B . -25.26 -0.96 -2.17
H132 A1BME B . -25.71 0.61 -1.55
H152 A1BME B . -27.57 0.26 -5.20
H151 A1BME B . -27.08 -1.31 -5.84
HC17 A1BME B . -26.97 -6.69 0.86
HC22 A1BME B . -30.14 -9.59 -3.20
HC24 A1BME B . -26.97 -6.72 -2.91
H92 A1BME B . -29.68 -5.70 3.77
H91 A1BME B . -28.31 -4.91 4.52
H112 A1BME B . -29.23 -0.89 3.71
H111 A1BME B . -30.77 -1.64 3.32
HC12 A1BME B . -27.89 0.45 -2.72
H141 A1BME B . -24.33 0.80 -3.63
H142 A1BME B . -25.91 1.51 -3.86
H161 A1BME B . -28.61 -1.54 -3.86
H162 A1BME B . -27.06 -2.31 -3.65
HN4 A1BME B . -26.81 -4.63 -1.25
H192 A1BME B . -25.18 -6.71 -1.58
H191 A1BME B . -25.17 -7.81 -0.21
H193 A1BME B . -24.73 -6.12 -0.01
HC23 A1BME B . -28.45 -8.15 -4.28
H251 A1BME B . -29.55 -8.97 1.54
H253 A1BME B . -29.34 -7.24 1.47
H252 A1BME B . -27.96 -8.31 1.62
C1 EDO C . -20.33 -19.54 -15.31
O1 EDO C . -20.16 -20.58 -16.27
C2 EDO C . -20.13 -20.08 -13.88
O2 EDO C . -20.79 -21.32 -13.72
H11 EDO C . -21.33 -19.11 -15.43
H12 EDO C . -19.62 -18.75 -15.51
HO1 EDO C . -19.44 -21.14 -15.96
H21 EDO C . -20.53 -19.36 -13.16
H22 EDO C . -19.08 -20.20 -13.66
HO2 EDO C . -21.61 -21.25 -14.23
C1 EDO D . 8.48 15.52 -7.57
O1 EDO D . 8.61 15.43 -8.97
C2 EDO D . 6.97 15.66 -7.30
O2 EDO D . 6.34 14.50 -7.80
H11 EDO D . 9.03 16.39 -7.19
H12 EDO D . 8.88 14.63 -7.09
HO1 EDO D . 7.86 14.92 -9.24
H21 EDO D . 6.57 16.55 -7.77
H22 EDO D . 6.79 15.75 -6.23
HO2 EDO D . 6.51 13.79 -7.18
#